data_4ZK9
#
_entry.id   4ZK9
#
_cell.length_a   78.802
_cell.length_b   78.802
_cell.length_c   185.613
_cell.angle_alpha   90.00
_cell.angle_beta   90.00
_cell.angle_gamma   90.00
#
_symmetry.space_group_name_H-M   'P 43 21 2'
#
loop_
_entity.id
_entity.type
_entity.pdbx_description
1 polymer 'Chemokine binding protein'
2 polymer 'C-C motif chemokine 2'
3 branched beta-D-mannopyranose-(1-4)-2-acetamido-2-deoxy-beta-D-glucopyranose-(1-4)-2-acetamido-2-deoxy-beta-D-glucopyranose
#
loop_
_entity_poly.entity_id
_entity_poly.type
_entity_poly.pdbx_seq_one_letter_code
_entity_poly.pdbx_strand_id
1 'polypeptide(L)'
;APLLESQRSNSEEKANFCSTHNDEVYARFRLQMRVGVRHSPLYTPSNMCMLDIEDSVEDIEESTEKEYASTATGEAAGVN
VSVALVGEGVSIPFSYIGLGFNPSLEDSYLYVNVSSRAPWVKQTSDLSANGGWGIKQVLEKELLAIQIGCDNQKFPEEPT
TTPPSPVTTTLSSTTPDLNEENTENTPTTTGASVDRKRNPADIDFSLLVDPRCVTSVDLHVELRDACIDYKQESPLSLKG
KYGDGELVKKEIKDVGKNHNMCSLNLNPGNENLYFQ
;
A
2 'polypeptide(L)'
;QPDAINAPVTCCYNFTNRKISVQRLASYRRITSSKCPKEAVIFKTIVAKEICADPKQKWVQDSMDHLDKQTQTPKTHHHH
HHH
;
B
#
loop_
_chem_comp.id
_chem_comp.type
_chem_comp.name
_chem_comp.formula
BMA D-saccharide, beta linking beta-D-mannopyranose 'C6 H12 O6'
NAG D-saccharide, beta linking 2-acetamido-2-deoxy-beta-D-glucopyranose 'C8 H15 N O6'
#
# COMPACT_ATOMS: atom_id res chain seq x y z
N SER A 11 -7.82 -23.45 -10.30
CA SER A 11 -6.41 -23.80 -9.97
C SER A 11 -6.36 -25.09 -9.14
N GLU A 12 -5.31 -25.88 -9.35
CA GLU A 12 -5.21 -27.22 -8.74
C GLU A 12 -4.88 -27.17 -7.25
N GLU A 13 -3.89 -26.34 -6.90
CA GLU A 13 -3.48 -26.17 -5.50
C GLU A 13 -4.57 -25.47 -4.69
N LYS A 14 -5.23 -24.49 -5.31
CA LYS A 14 -6.21 -23.63 -4.64
C LYS A 14 -7.45 -24.39 -4.15
N ALA A 15 -8.15 -25.03 -5.08
CA ALA A 15 -9.42 -25.69 -4.77
C ALA A 15 -9.29 -26.69 -3.63
N ASN A 16 -8.23 -27.49 -3.67
CA ASN A 16 -7.94 -28.46 -2.60
C ASN A 16 -7.79 -27.78 -1.24
N PHE A 17 -7.13 -26.63 -1.23
CA PHE A 17 -6.93 -25.86 -0.01
C PHE A 17 -8.24 -25.29 0.55
N CYS A 18 -9.00 -24.60 -0.29
CA CYS A 18 -10.20 -23.90 0.16
C CYS A 18 -11.29 -24.87 0.64
N SER A 19 -11.35 -26.05 0.03
CA SER A 19 -12.26 -27.11 0.48
C SER A 19 -11.79 -27.71 1.80
N THR A 20 -10.48 -27.95 1.92
CA THR A 20 -9.90 -28.53 3.14
C THR A 20 -9.75 -27.52 4.30
N HIS A 21 -10.05 -26.25 4.03
CA HIS A 21 -9.93 -25.17 5.03
C HIS A 21 -11.15 -24.24 4.98
N ASN A 22 -12.33 -24.81 5.08
CA ASN A 22 -13.59 -24.08 4.88
C ASN A 22 -14.04 -23.24 6.07
N ASP A 23 -13.61 -23.60 7.28
CA ASP A 23 -13.98 -22.86 8.49
C ASP A 23 -12.97 -21.76 8.86
N GLU A 24 -11.93 -21.59 8.04
CA GLU A 24 -10.88 -20.62 8.32
C GLU A 24 -10.92 -19.39 7.39
N VAL A 25 -10.16 -18.37 7.76
CA VAL A 25 -10.07 -17.16 6.98
C VAL A 25 -8.62 -16.73 6.83
N TYR A 26 -8.14 -16.71 5.58
CA TYR A 26 -6.79 -16.27 5.27
C TYR A 26 -6.87 -14.99 4.47
N ALA A 27 -6.15 -13.97 4.91
CA ALA A 27 -6.17 -12.68 4.23
C ALA A 27 -5.40 -12.76 2.93
N ARG A 28 -5.79 -11.92 1.98
CA ARG A 28 -5.09 -11.82 0.72
C ARG A 28 -5.20 -10.39 0.25
N PHE A 29 -4.07 -9.70 0.23
CA PHE A 29 -4.02 -8.31 -0.22
C PHE A 29 -3.62 -8.26 -1.69
N ARG A 30 -4.34 -7.45 -2.46
CA ARG A 30 -4.03 -7.18 -3.86
C ARG A 30 -4.16 -5.69 -4.14
N LEU A 31 -3.12 -5.14 -4.76
CA LEU A 31 -3.11 -3.75 -5.21
C LEU A 31 -2.82 -3.74 -6.71
N GLN A 32 -3.59 -2.95 -7.45
CA GLN A 32 -3.31 -2.65 -8.85
C GLN A 32 -3.32 -1.14 -8.96
N MET A 33 -2.19 -0.54 -9.36
CA MET A 33 -2.09 0.91 -9.39
C MET A 33 -1.49 1.42 -10.69
N ARG A 34 -2.06 2.51 -11.21
CA ARG A 34 -1.50 3.20 -12.36
C ARG A 34 -1.11 4.62 -11.99
N VAL A 35 0.15 4.95 -12.28
CA VAL A 35 0.74 6.23 -11.97
C VAL A 35 1.08 6.95 -13.27
N GLY A 36 0.52 8.13 -13.49
CA GLY A 36 0.87 8.94 -14.64
C GLY A 36 2.23 9.60 -14.44
N VAL A 37 3.15 9.33 -15.36
CA VAL A 37 4.55 9.71 -15.21
C VAL A 37 4.94 10.86 -16.13
N ARG A 38 5.69 11.82 -15.58
CA ARG A 38 6.31 12.85 -16.39
C ARG A 38 7.76 12.97 -15.94
N HIS A 39 8.64 13.36 -16.85
CA HIS A 39 10.07 13.41 -16.56
C HIS A 39 10.63 14.82 -16.54
N SER A 40 11.66 14.99 -15.71
CA SER A 40 12.44 16.22 -15.70
C SER A 40 13.17 16.31 -17.02
N PRO A 41 13.51 17.53 -17.44
CA PRO A 41 14.22 17.66 -18.72
C PRO A 41 15.55 16.91 -18.82
N LEU A 42 16.16 16.56 -17.68
CA LEU A 42 17.45 15.87 -17.65
C LEU A 42 17.31 14.37 -17.38
N TYR A 43 16.11 13.84 -17.40
CA TYR A 43 15.95 12.41 -17.23
C TYR A 43 16.52 11.70 -18.45
N THR A 44 17.43 10.75 -18.19
CA THR A 44 18.01 9.97 -19.28
C THR A 44 17.20 8.68 -19.29
N PRO A 45 16.69 8.30 -20.47
CA PRO A 45 15.94 7.06 -20.57
C PRO A 45 16.71 5.88 -20.02
N SER A 46 15.99 4.95 -19.41
CA SER A 46 16.62 3.82 -18.74
C SER A 46 15.67 2.66 -18.66
N ASN A 47 16.18 1.46 -18.91
CA ASN A 47 15.41 0.24 -18.64
C ASN A 47 15.55 -0.24 -17.21
N MET A 48 16.34 0.45 -16.39
CA MET A 48 16.57 0.02 -15.01
C MET A 48 15.29 -0.17 -14.21
N CYS A 49 15.28 -1.22 -13.41
CA CYS A 49 14.17 -1.55 -12.53
C CYS A 49 14.81 -1.98 -11.21
N MET A 50 14.27 -1.47 -10.09
N MET A 50 14.28 -1.48 -10.09
CA MET A 50 14.70 -1.87 -8.75
CA MET A 50 14.69 -1.94 -8.78
C MET A 50 13.45 -2.36 -8.01
C MET A 50 13.44 -2.37 -8.02
N LEU A 51 13.52 -3.54 -7.39
CA LEU A 51 12.37 -4.11 -6.68
C LEU A 51 12.82 -4.62 -5.32
N ASP A 52 11.96 -4.47 -4.33
CA ASP A 52 12.27 -4.96 -2.99
C ASP A 52 11.01 -5.22 -2.20
N ILE A 53 11.11 -6.17 -1.28
CA ILE A 53 10.05 -6.45 -0.30
C ILE A 53 10.71 -6.68 1.06
N GLU A 54 10.27 -5.90 2.06
CA GLU A 54 10.84 -5.92 3.41
C GLU A 54 9.74 -6.10 4.44
N ASP A 55 9.95 -7.02 5.37
CA ASP A 55 9.03 -7.18 6.50
C ASP A 55 9.72 -6.66 7.76
N SER A 56 8.99 -5.92 8.60
CA SER A 56 9.52 -5.46 9.89
C SER A 56 8.54 -5.68 11.01
N VAL A 57 9.07 -5.70 12.23
CA VAL A 57 8.31 -5.93 13.45
C VAL A 57 8.74 -4.91 14.50
N GLU A 58 7.79 -4.15 15.05
CA GLU A 58 8.08 -3.18 16.11
C GLU A 58 7.22 -3.45 17.32
N ASP A 59 7.76 -3.16 18.50
CA ASP A 59 7.04 -3.34 19.76
C ASP A 59 6.33 -2.03 20.13
N ILE A 60 5.04 -2.14 20.47
CA ILE A 60 4.25 -1.00 20.92
C ILE A 60 4.35 -0.85 22.43
N GLU A 61 4.30 0.39 22.91
CA GLU A 61 4.54 0.69 24.33
C GLU A 61 3.48 0.07 25.25
N GLU A 62 2.27 0.65 25.25
CA GLU A 62 1.21 0.20 26.14
C GLU A 62 0.52 -1.08 25.65
N SER A 63 0.74 -1.43 24.38
CA SER A 63 0.13 -2.62 23.79
C SER A 63 0.93 -3.89 24.09
N THR A 64 0.23 -5.02 24.05
CA THR A 64 0.84 -6.34 24.10
C THR A 64 1.12 -6.85 22.67
N GLU A 65 0.50 -6.20 21.68
CA GLU A 65 0.60 -6.66 20.29
C GLU A 65 1.71 -5.95 19.52
N LYS A 66 2.55 -6.76 18.87
CA LYS A 66 3.62 -6.25 18.01
C LYS A 66 3.01 -5.63 16.76
N GLU A 67 3.73 -4.67 16.18
CA GLU A 67 3.33 -4.05 14.93
C GLU A 67 4.09 -4.70 13.76
N TYR A 68 3.35 -5.24 12.79
CA TYR A 68 3.91 -5.94 11.64
C TYR A 68 3.73 -5.14 10.35
N ALA A 69 4.83 -4.90 9.64
CA ALA A 69 4.78 -4.15 8.38
C ALA A 69 5.37 -4.97 7.26
N SER A 70 4.69 -4.95 6.12
CA SER A 70 5.27 -5.45 4.90
C SER A 70 5.34 -4.26 3.93
N THR A 71 6.49 -4.11 3.31
CA THR A 71 6.74 -2.96 2.47
C THR A 71 7.31 -3.43 1.13
N ALA A 72 6.63 -3.06 0.06
CA ALA A 72 7.07 -3.37 -1.29
C ALA A 72 7.51 -2.07 -1.93
N THR A 73 8.68 -2.06 -2.55
CA THR A 73 9.17 -0.88 -3.21
C THR A 73 9.60 -1.21 -4.63
N GLY A 74 9.39 -0.24 -5.51
CA GLY A 74 9.77 -0.37 -6.91
C GLY A 74 10.25 0.98 -7.40
N GLU A 75 11.31 0.97 -8.20
CA GLU A 75 11.72 2.16 -8.92
C GLU A 75 11.91 1.83 -10.38
N ALA A 76 11.27 2.62 -11.24
CA ALA A 76 11.49 2.56 -12.67
C ALA A 76 11.05 3.88 -13.25
N ALA A 77 11.51 4.18 -14.46
CA ALA A 77 11.07 5.37 -15.19
C ALA A 77 11.19 6.68 -14.40
N GLY A 78 12.16 6.75 -13.48
CA GLY A 78 12.40 7.96 -12.70
C GLY A 78 11.51 8.14 -11.49
N VAL A 79 10.61 7.18 -11.27
CA VAL A 79 9.63 7.24 -10.20
C VAL A 79 9.94 6.14 -9.18
N ASN A 80 9.79 6.43 -7.89
CA ASN A 80 9.92 5.37 -6.88
C ASN A 80 8.68 5.23 -6.01
N VAL A 81 8.20 4.00 -5.92
CA VAL A 81 6.93 3.70 -5.30
C VAL A 81 7.16 2.91 -4.02
N SER A 82 6.33 3.18 -3.04
CA SER A 82 6.38 2.50 -1.76
C SER A 82 4.96 2.16 -1.33
N VAL A 83 4.75 0.89 -0.99
CA VAL A 83 3.46 0.41 -0.53
C VAL A 83 3.71 -0.31 0.79
N ALA A 84 3.10 0.17 1.87
CA ALA A 84 3.29 -0.44 3.18
C ALA A 84 1.97 -0.84 3.80
N LEU A 85 1.87 -2.13 4.15
CA LEU A 85 0.71 -2.67 4.83
C LEU A 85 1.07 -3.00 6.28
N VAL A 86 0.45 -2.30 7.21
CA VAL A 86 0.81 -2.37 8.61
C VAL A 86 -0.35 -2.90 9.43
N GLY A 87 -0.06 -3.88 10.28
CA GLY A 87 -1.07 -4.46 11.16
C GLY A 87 -0.60 -4.51 12.60
N GLU A 88 -1.56 -4.49 13.52
CA GLU A 88 -1.31 -4.64 14.94
C GLU A 88 -1.70 -6.07 15.33
N GLY A 89 -0.69 -6.91 15.53
CA GLY A 89 -0.89 -8.31 15.90
C GLY A 89 -1.10 -9.26 14.72
N VAL A 90 -1.11 -8.72 13.50
CA VAL A 90 -1.43 -9.50 12.32
C VAL A 90 -0.40 -9.28 11.20
N SER A 91 0.20 -10.38 10.74
CA SER A 91 1.17 -10.35 9.65
C SER A 91 0.48 -10.69 8.34
N ILE A 92 0.55 -9.76 7.39
CA ILE A 92 0.15 -10.02 6.00
C ILE A 92 1.35 -9.66 5.12
N PRO A 93 2.22 -10.64 4.83
CA PRO A 93 3.45 -10.35 4.11
C PRO A 93 3.26 -10.32 2.58
N PHE A 94 3.97 -9.41 1.90
CA PHE A 94 3.91 -9.36 0.45
C PHE A 94 4.79 -10.47 -0.12
N SER A 95 4.33 -11.09 -1.22
CA SER A 95 5.13 -12.10 -1.91
C SER A 95 5.47 -11.67 -3.34
N TYR A 96 4.88 -10.58 -3.80
CA TYR A 96 4.97 -10.22 -5.21
C TYR A 96 4.84 -8.73 -5.43
N ILE A 97 5.77 -8.18 -6.20
CA ILE A 97 5.62 -6.85 -6.80
C ILE A 97 6.03 -6.91 -8.26
N GLY A 98 5.20 -6.31 -9.11
CA GLY A 98 5.43 -6.26 -10.56
C GLY A 98 5.25 -4.84 -11.05
N LEU A 99 6.10 -4.41 -11.98
CA LEU A 99 6.01 -3.09 -12.55
C LEU A 99 5.90 -3.17 -14.07
N GLY A 100 5.08 -2.28 -14.63
CA GLY A 100 5.00 -2.11 -16.07
C GLY A 100 5.38 -0.68 -16.33
N PHE A 101 6.39 -0.45 -17.17
CA PHE A 101 6.87 0.92 -17.42
C PHE A 101 7.45 1.15 -18.82
N ASN A 102 7.38 2.41 -19.26
CA ASN A 102 7.97 2.86 -20.52
C ASN A 102 9.25 3.61 -20.16
N PRO A 103 10.40 3.20 -20.72
CA PRO A 103 11.66 3.84 -20.37
C PRO A 103 11.88 5.25 -20.94
N SER A 104 11.08 5.65 -21.92
CA SER A 104 11.36 6.89 -22.66
C SER A 104 11.04 8.16 -21.87
N LEU A 105 11.41 9.30 -22.43
CA LEU A 105 11.09 10.61 -21.87
C LEU A 105 9.59 10.91 -21.90
N GLU A 106 8.88 10.38 -22.88
CA GLU A 106 7.49 10.77 -23.09
C GLU A 106 6.67 10.49 -21.84
N ASP A 107 5.67 11.33 -21.60
CA ASP A 107 4.71 11.09 -20.55
C ASP A 107 4.07 9.72 -20.78
N SER A 108 4.03 8.90 -19.74
CA SER A 108 3.55 7.52 -19.85
C SER A 108 2.90 7.09 -18.55
N TYR A 109 2.38 5.88 -18.51
CA TYR A 109 1.82 5.31 -17.29
C TYR A 109 2.73 4.24 -16.71
N LEU A 110 2.92 4.28 -15.39
CA LEU A 110 3.63 3.24 -14.66
C LEU A 110 2.60 2.36 -13.98
N TYR A 111 2.71 1.05 -14.16
CA TYR A 111 1.78 0.11 -13.55
C TYR A 111 2.47 -0.66 -12.43
N VAL A 112 1.76 -0.82 -11.31
CA VAL A 112 2.28 -1.55 -10.15
C VAL A 112 1.27 -2.58 -9.66
N ASN A 113 1.67 -3.85 -9.64
CA ASN A 113 0.95 -4.90 -8.91
C ASN A 113 1.64 -5.13 -7.58
N VAL A 114 0.88 -5.30 -6.50
CA VAL A 114 1.42 -5.81 -5.23
C VAL A 114 0.43 -6.80 -4.64
N SER A 115 0.92 -7.98 -4.27
CA SER A 115 0.08 -9.06 -3.74
C SER A 115 0.71 -9.68 -2.51
N SER A 116 -0.13 -10.20 -1.63
CA SER A 116 0.35 -10.93 -0.47
C SER A 116 0.38 -12.41 -0.75
N ARG A 117 1.14 -13.13 0.07
CA ARG A 117 1.29 -14.58 -0.03
C ARG A 117 -0.07 -15.29 -0.04
N ALA A 118 -0.25 -16.16 -1.03
CA ALA A 118 -1.44 -17.00 -1.09
C ALA A 118 -1.29 -18.16 -0.10
N PRO A 119 -2.35 -18.44 0.68
CA PRO A 119 -2.24 -19.38 1.81
C PRO A 119 -1.82 -20.79 1.41
N TRP A 120 -2.27 -21.24 0.25
CA TRP A 120 -1.95 -22.58 -0.24
C TRP A 120 -0.46 -22.77 -0.53
N VAL A 121 0.22 -21.70 -0.93
CA VAL A 121 1.65 -21.72 -1.19
C VAL A 121 2.42 -21.83 0.13
N LYS A 122 2.08 -20.96 1.08
CA LYS A 122 2.69 -20.97 2.42
C LYS A 122 1.68 -20.39 3.41
N GLN A 123 1.36 -21.13 4.45
CA GLN A 123 0.22 -20.82 5.31
C GLN A 123 0.37 -19.50 6.08
N THR A 124 -0.46 -18.52 5.75
CA THR A 124 -0.66 -17.36 6.60
C THR A 124 -1.48 -17.77 7.83
N SER A 125 -1.68 -16.83 8.75
CA SER A 125 -2.43 -17.10 9.97
C SER A 125 -3.94 -17.16 9.71
N ASP A 126 -4.60 -18.10 10.37
CA ASP A 126 -6.05 -18.21 10.34
C ASP A 126 -6.66 -17.08 11.16
N LEU A 127 -7.13 -16.04 10.50
CA LEU A 127 -7.65 -14.87 11.22
C LEU A 127 -9.00 -15.13 11.87
N SER A 128 -9.56 -16.33 11.68
CA SER A 128 -10.83 -16.72 12.31
C SER A 128 -10.64 -17.37 13.68
N ALA A 129 -9.40 -17.71 14.04
CA ALA A 129 -9.10 -18.34 15.33
C ALA A 129 -9.46 -17.42 16.50
N ASN A 130 -9.73 -18.03 17.65
CA ASN A 130 -10.09 -17.27 18.84
C ASN A 130 -11.23 -16.29 18.55
N GLY A 131 -12.36 -16.82 18.11
CA GLY A 131 -13.54 -16.00 17.82
C GLY A 131 -13.28 -14.84 16.89
N GLY A 132 -12.52 -15.08 15.83
CA GLY A 132 -12.19 -14.04 14.86
C GLY A 132 -11.36 -12.87 15.36
N TRP A 133 -10.48 -13.12 16.32
CA TRP A 133 -9.61 -12.07 16.86
C TRP A 133 -8.81 -11.37 15.75
N GLY A 134 -8.21 -12.17 14.87
CA GLY A 134 -7.43 -11.63 13.76
C GLY A 134 -8.21 -10.70 12.85
N ILE A 135 -9.47 -11.04 12.58
CA ILE A 135 -10.32 -10.22 11.73
C ILE A 135 -10.59 -8.86 12.37
N LYS A 136 -10.99 -8.85 13.62
CA LYS A 136 -11.20 -7.60 14.35
C LYS A 136 -9.96 -6.68 14.28
N GLN A 137 -8.77 -7.25 14.46
CA GLN A 137 -7.53 -6.45 14.39
C GLN A 137 -7.36 -5.78 13.02
N VAL A 138 -7.64 -6.53 11.96
CA VAL A 138 -7.52 -5.98 10.61
C VAL A 138 -8.56 -4.88 10.37
N LEU A 139 -9.82 -5.16 10.66
CA LEU A 139 -10.87 -4.18 10.47
C LEU A 139 -10.62 -2.90 11.25
N GLU A 140 -10.02 -3.02 12.44
CA GLU A 140 -9.87 -1.87 13.32
C GLU A 140 -8.51 -1.16 13.24
N LYS A 141 -7.45 -1.90 12.90
CA LYS A 141 -6.08 -1.36 13.00
C LYS A 141 -5.28 -1.27 11.69
N GLU A 142 -5.57 -2.11 10.70
CA GLU A 142 -4.73 -2.16 9.51
C GLU A 142 -4.61 -0.81 8.81
N LEU A 143 -3.38 -0.44 8.46
CA LEU A 143 -3.10 0.80 7.73
C LEU A 143 -2.44 0.45 6.40
N LEU A 144 -2.79 1.20 5.37
CA LEU A 144 -2.11 1.10 4.08
C LEU A 144 -1.54 2.47 3.77
N ALA A 145 -0.24 2.54 3.57
CA ALA A 145 0.42 3.77 3.20
C ALA A 145 1.12 3.57 1.86
N ILE A 146 0.57 4.21 0.84
CA ILE A 146 1.19 4.25 -0.47
C ILE A 146 1.89 5.58 -0.64
N GLN A 147 3.17 5.54 -1.00
CA GLN A 147 3.94 6.74 -1.28
C GLN A 147 4.59 6.64 -2.66
N ILE A 148 4.71 7.79 -3.34
CA ILE A 148 5.26 7.85 -4.69
C ILE A 148 6.14 9.08 -4.82
N GLY A 149 7.40 8.88 -5.17
CA GLY A 149 8.35 9.98 -5.34
C GLY A 149 9.03 9.97 -6.70
N CYS A 150 10.00 10.86 -6.88
CA CYS A 150 10.65 11.09 -8.16
C CYS A 150 12.14 10.74 -8.18
N ASP A 151 12.53 9.64 -7.54
CA ASP A 151 13.94 9.16 -7.63
C ASP A 151 14.88 10.24 -7.22
N ASN A 152 15.99 10.36 -7.93
CA ASN A 152 16.85 11.53 -7.82
C ASN A 152 16.78 12.35 -9.12
N GLN A 153 15.57 12.63 -9.58
CA GLN A 153 15.35 13.54 -10.67
C GLN A 153 15.50 14.94 -10.12
N LYS A 154 16.07 15.84 -10.91
CA LYS A 154 16.20 17.23 -10.55
C LYS A 154 15.30 18.03 -11.47
N PHE A 155 14.39 18.81 -10.89
CA PHE A 155 13.46 19.63 -11.66
C PHE A 155 13.88 21.09 -11.56
N PRO A 156 13.53 21.89 -12.59
CA PRO A 156 13.83 23.32 -12.49
C PRO A 156 13.01 23.99 -11.39
N GLU A 157 13.66 24.81 -10.57
CA GLU A 157 12.99 25.54 -9.48
C GLU A 157 12.54 26.91 -9.94
N ALA A 201 -15.60 -1.89 5.56
CA ALA A 201 -15.50 -2.17 4.13
C ALA A 201 -14.38 -1.38 3.46
N ASP A 202 -14.29 -0.07 3.74
CA ASP A 202 -13.22 0.75 3.16
C ASP A 202 -11.88 0.44 3.81
N ILE A 203 -10.88 0.14 2.98
CA ILE A 203 -9.51 0.10 3.45
C ILE A 203 -9.11 1.52 3.77
N ASP A 204 -8.47 1.71 4.91
CA ASP A 204 -8.04 3.01 5.34
C ASP A 204 -6.65 3.23 4.75
N PHE A 205 -6.56 4.03 3.68
CA PHE A 205 -5.28 4.19 3.02
C PHE A 205 -4.83 5.64 2.84
N SER A 206 -3.55 5.85 3.08
CA SER A 206 -2.90 7.12 2.87
C SER A 206 -2.17 7.10 1.54
N LEU A 207 -2.37 8.14 0.72
CA LEU A 207 -1.67 8.27 -0.56
C LEU A 207 -0.91 9.59 -0.61
N LEU A 208 0.41 9.48 -0.71
CA LEU A 208 1.32 10.60 -0.59
C LEU A 208 2.20 10.63 -1.84
N VAL A 209 2.09 11.68 -2.66
CA VAL A 209 2.85 11.73 -3.91
C VAL A 209 3.57 13.04 -4.16
N ASP A 210 4.69 12.95 -4.86
CA ASP A 210 5.45 14.11 -5.33
C ASP A 210 4.88 14.49 -6.70
N PRO A 211 4.23 15.66 -6.79
CA PRO A 211 3.51 16.03 -8.00
C PRO A 211 4.40 16.43 -9.17
N ARG A 212 5.67 16.70 -8.93
CA ARG A 212 6.59 17.08 -10.00
C ARG A 212 6.72 16.00 -11.07
N CYS A 213 6.63 14.72 -10.69
CA CYS A 213 6.69 13.63 -11.66
C CYS A 213 5.42 12.78 -11.74
N VAL A 214 4.41 13.10 -10.95
CA VAL A 214 3.17 12.33 -10.93
C VAL A 214 2.02 13.20 -11.38
N THR A 215 1.50 12.89 -12.57
CA THR A 215 0.40 13.61 -13.20
C THR A 215 -0.96 13.03 -12.84
N SER A 216 -0.97 11.79 -12.36
CA SER A 216 -2.22 11.09 -12.05
C SER A 216 -1.96 9.84 -11.23
N VAL A 217 -2.92 9.49 -10.38
CA VAL A 217 -2.91 8.19 -9.70
C VAL A 217 -4.30 7.56 -9.78
N ASP A 218 -4.34 6.30 -10.19
CA ASP A 218 -5.58 5.53 -10.24
C ASP A 218 -5.27 4.18 -9.66
N LEU A 219 -6.05 3.73 -8.69
CA LEU A 219 -5.77 2.46 -8.04
C LEU A 219 -7.00 1.77 -7.50
N HIS A 220 -6.92 0.45 -7.48
CA HIS A 220 -7.89 -0.38 -6.82
C HIS A 220 -7.09 -1.18 -5.82
N VAL A 221 -7.62 -1.33 -4.62
CA VAL A 221 -6.91 -2.13 -3.60
C VAL A 221 -7.93 -2.92 -2.80
N GLU A 222 -7.60 -4.17 -2.51
CA GLU A 222 -8.52 -5.05 -1.79
C GLU A 222 -7.78 -5.89 -0.77
N LEU A 223 -8.44 -6.15 0.34
CA LEU A 223 -7.97 -7.08 1.36
C LEU A 223 -9.13 -7.98 1.72
N ARG A 224 -9.02 -9.24 1.33
CA ARG A 224 -10.16 -10.12 1.29
C ARG A 224 -9.80 -11.54 1.67
N ASP A 225 -10.84 -12.28 2.03
CA ASP A 225 -10.77 -13.70 2.29
C ASP A 225 -10.15 -14.35 1.07
N ALA A 226 -9.03 -15.06 1.27
CA ALA A 226 -8.37 -15.76 0.18
C ALA A 226 -9.34 -16.66 -0.61
N CYS A 227 -10.23 -17.36 0.11
CA CYS A 227 -11.12 -18.32 -0.52
C CYS A 227 -12.56 -17.82 -0.67
N ILE A 228 -12.74 -16.52 -0.87
CA ILE A 228 -14.09 -15.94 -0.95
C ILE A 228 -14.90 -16.48 -2.13
N ASP A 229 -14.22 -16.99 -3.16
CA ASP A 229 -14.88 -17.65 -4.29
C ASP A 229 -15.66 -18.90 -3.89
N TYR A 230 -15.24 -19.57 -2.81
CA TYR A 230 -15.93 -20.76 -2.28
C TYR A 230 -16.82 -20.43 -1.06
N LYS A 231 -17.26 -19.18 -0.94
CA LYS A 231 -18.08 -18.74 0.19
C LYS A 231 -19.11 -17.70 -0.27
N GLN A 232 -20.33 -17.80 0.25
CA GLN A 232 -21.39 -16.84 -0.05
C GLN A 232 -21.12 -15.49 0.64
N GLU A 233 -20.42 -15.55 1.77
CA GLU A 233 -20.19 -14.39 2.61
C GLU A 233 -18.86 -14.56 3.36
N SER A 234 -18.27 -13.44 3.76
CA SER A 234 -17.09 -13.49 4.62
C SER A 234 -16.98 -12.22 5.46
N PRO A 235 -16.57 -12.37 6.73
CA PRO A 235 -16.35 -11.17 7.56
C PRO A 235 -15.17 -10.34 7.07
N LEU A 236 -14.24 -10.94 6.35
CA LEU A 236 -13.07 -10.22 5.83
C LEU A 236 -13.21 -9.87 4.36
N SER A 237 -13.57 -8.62 4.09
CA SER A 237 -13.71 -8.14 2.72
C SER A 237 -13.62 -6.63 2.68
N LEU A 238 -12.39 -6.12 2.59
CA LEU A 238 -12.14 -4.69 2.50
C LEU A 238 -11.77 -4.31 1.06
N LYS A 239 -12.05 -3.07 0.68
CA LYS A 239 -11.79 -2.59 -0.66
C LYS A 239 -11.47 -1.11 -0.63
N GLY A 240 -10.72 -0.66 -1.62
CA GLY A 240 -10.30 0.74 -1.71
C GLY A 240 -10.14 1.17 -3.14
N LYS A 241 -10.41 2.44 -3.39
CA LYS A 241 -10.32 3.01 -4.72
C LYS A 241 -9.66 4.38 -4.63
N TYR A 242 -8.97 4.77 -5.68
CA TYR A 242 -8.64 6.17 -5.91
C TYR A 242 -8.68 6.36 -7.41
N GLY A 243 -9.50 7.29 -7.88
CA GLY A 243 -9.75 7.46 -9.31
C GLY A 243 -10.44 6.23 -9.86
N ASP A 244 -10.16 5.92 -11.13
CA ASP A 244 -10.83 4.82 -11.81
C ASP A 244 -10.16 3.49 -11.48
N GLY A 245 -10.62 2.87 -10.40
CA GLY A 245 -10.07 1.60 -9.93
C GLY A 245 -10.38 0.41 -10.82
N GLU A 246 -11.60 0.36 -11.36
CA GLU A 246 -11.97 -0.73 -12.27
C GLU A 246 -11.15 -0.67 -13.55
N LEU A 247 -10.94 0.54 -14.06
CA LEU A 247 -10.17 0.76 -15.28
C LEU A 247 -8.76 0.23 -15.16
N VAL A 248 -8.05 0.64 -14.11
CA VAL A 248 -6.69 0.13 -13.88
C VAL A 248 -6.68 -1.38 -13.66
N LYS A 249 -7.70 -1.93 -13.01
CA LYS A 249 -7.78 -3.37 -12.80
C LYS A 249 -7.89 -4.12 -14.12
N LYS A 250 -8.53 -3.51 -15.13
CA LYS A 250 -8.61 -4.07 -16.47
C LYS A 250 -7.32 -3.82 -17.26
N GLU A 251 -6.92 -2.55 -17.37
CA GLU A 251 -5.73 -2.17 -18.15
C GLU A 251 -4.48 -2.96 -17.77
N ILE A 252 -4.23 -3.10 -16.47
CA ILE A 252 -2.97 -3.66 -15.98
C ILE A 252 -2.75 -5.11 -16.40
N LYS A 253 -3.80 -5.79 -16.86
CA LYS A 253 -3.67 -7.17 -17.33
C LYS A 253 -3.20 -7.24 -18.79
N ASP A 254 -3.13 -6.11 -19.48
CA ASP A 254 -2.75 -6.10 -20.91
C ASP A 254 -1.71 -5.01 -21.25
N VAL A 255 -0.74 -4.79 -20.36
CA VAL A 255 0.32 -3.78 -20.60
C VAL A 255 1.65 -4.38 -21.02
N GLY A 256 1.79 -5.70 -20.94
CA GLY A 256 2.98 -6.38 -21.42
C GLY A 256 3.28 -6.19 -22.92
N LYS A 257 2.25 -5.83 -23.69
CA LYS A 257 2.39 -5.60 -25.14
C LYS A 257 3.22 -4.37 -25.49
N ASN A 258 3.28 -3.37 -24.61
CA ASN A 258 3.88 -2.08 -24.93
C ASN A 258 4.68 -1.44 -23.80
N HIS A 259 5.16 -2.26 -22.86
CA HIS A 259 5.86 -1.77 -21.68
C HIS A 259 6.96 -2.74 -21.30
N ASN A 260 8.02 -2.20 -20.71
CA ASN A 260 8.98 -3.02 -19.99
C ASN A 260 8.21 -3.61 -18.83
N MET A 261 8.50 -4.86 -18.51
CA MET A 261 7.87 -5.55 -17.40
C MET A 261 8.98 -6.09 -16.51
N CYS A 262 8.94 -5.76 -15.21
CA CYS A 262 9.82 -6.41 -14.25
C CYS A 262 9.05 -6.83 -13.02
N SER A 263 9.49 -7.92 -12.41
CA SER A 263 8.78 -8.43 -11.24
C SER A 263 9.72 -9.10 -10.28
N LEU A 264 9.24 -9.25 -9.04
CA LEU A 264 9.97 -9.93 -7.99
C LEU A 264 8.96 -10.79 -7.28
N ASN A 265 9.24 -12.10 -7.22
CA ASN A 265 8.43 -13.08 -6.52
C ASN A 265 9.27 -13.72 -5.42
N LEU A 266 8.79 -13.71 -4.18
CA LEU A 266 9.61 -14.25 -3.10
C LEU A 266 9.57 -15.78 -3.03
N ASN A 267 10.70 -16.35 -2.65
CA ASN A 267 10.81 -17.77 -2.39
C ASN A 267 9.52 -18.27 -1.75
N PRO A 268 8.86 -19.25 -2.39
CA PRO A 268 7.77 -19.94 -1.71
C PRO A 268 8.33 -21.07 -0.86
N GLY A 269 8.08 -21.03 0.44
CA GLY A 269 8.62 -22.02 1.38
C GLY A 269 10.11 -21.90 1.54
N VAL B 9 7.58 19.36 -0.55
CA VAL B 9 7.81 18.58 -1.80
C VAL B 9 6.64 17.63 -2.14
N THR B 10 6.08 16.98 -1.12
CA THR B 10 5.07 15.93 -1.33
C THR B 10 3.67 16.36 -0.89
N CYS B 11 2.65 15.87 -1.61
CA CYS B 11 1.26 16.22 -1.35
C CYS B 11 0.40 15.02 -0.96
N CYS B 12 -0.55 15.26 -0.06
CA CYS B 12 -1.49 14.22 0.37
C CYS B 12 -2.72 14.20 -0.51
N TYR B 13 -2.86 13.13 -1.29
CA TYR B 13 -4.00 12.97 -2.19
C TYR B 13 -5.11 12.15 -1.54
N ASN B 14 -4.78 11.37 -0.51
CA ASN B 14 -5.78 10.57 0.20
C ASN B 14 -5.42 10.41 1.67
N PHE B 15 -6.42 10.61 2.54
CA PHE B 15 -6.21 10.66 3.99
C PHE B 15 -6.61 9.38 4.70
N THR B 16 -5.90 9.08 5.78
CA THR B 16 -6.32 8.04 6.72
C THR B 16 -7.55 8.59 7.47
N ASN B 17 -8.64 7.85 7.42
CA ASN B 17 -9.91 8.30 8.01
C ASN B 17 -9.99 8.07 9.52
N ARG B 18 -9.72 6.84 9.94
CA ARG B 18 -9.81 6.46 11.35
C ARG B 18 -8.64 6.98 12.18
N LYS B 19 -8.89 7.16 13.47
CA LYS B 19 -7.86 7.60 14.40
C LYS B 19 -6.94 6.45 14.74
N ILE B 20 -5.64 6.66 14.55
CA ILE B 20 -4.61 5.74 15.05
C ILE B 20 -4.26 6.20 16.45
N SER B 21 -4.01 5.24 17.36
CA SER B 21 -3.64 5.56 18.73
C SER B 21 -2.29 6.30 18.76
N VAL B 22 -2.17 7.29 19.64
CA VAL B 22 -0.95 8.09 19.76
C VAL B 22 0.31 7.24 19.88
N GLN B 23 0.20 6.11 20.58
CA GLN B 23 1.31 5.17 20.78
C GLN B 23 1.89 4.65 19.46
N ARG B 24 1.05 4.45 18.45
CA ARG B 24 1.49 3.96 17.14
C ARG B 24 2.24 5.04 16.33
N LEU B 25 2.02 6.31 16.66
CA LEU B 25 2.70 7.44 16.02
C LEU B 25 4.10 7.67 16.59
N ALA B 26 4.87 8.53 15.92
CA ALA B 26 6.21 8.88 16.38
C ALA B 26 6.51 10.39 16.19
N SER B 27 6.51 10.85 14.95
CA SER B 27 6.77 12.28 14.63
C SER B 27 5.64 12.85 13.78
N TYR B 28 5.63 14.18 13.61
CA TYR B 28 4.57 14.87 12.84
C TYR B 28 5.07 16.14 12.15
N ARG B 29 4.44 16.48 11.03
CA ARG B 29 4.76 17.71 10.29
C ARG B 29 3.59 18.10 9.40
N ARG B 30 3.48 19.40 9.10
CA ARG B 30 2.35 19.94 8.36
C ARG B 30 2.71 20.14 6.88
N ILE B 31 1.69 20.44 6.08
CA ILE B 31 1.87 20.74 4.65
C ILE B 31 0.91 21.85 4.25
N THR B 32 1.46 23.01 3.90
CA THR B 32 0.68 24.20 3.56
C THR B 32 1.10 24.80 2.21
N SER B 33 1.78 24.00 1.37
CA SER B 33 2.32 24.50 0.11
C SER B 33 1.22 24.81 -0.92
N SER B 34 1.50 25.82 -1.77
CA SER B 34 0.60 26.18 -2.86
C SER B 34 0.44 25.04 -3.86
N LYS B 35 1.53 24.32 -4.11
CA LYS B 35 1.53 23.20 -5.05
C LYS B 35 0.48 22.14 -4.70
N CYS B 36 0.37 21.82 -3.41
CA CYS B 36 -0.60 20.83 -2.95
C CYS B 36 -2.02 21.39 -2.94
N PRO B 37 -3.02 20.56 -3.32
CA PRO B 37 -4.42 21.00 -3.36
C PRO B 37 -5.06 21.19 -1.97
N LYS B 38 -5.06 20.14 -1.16
CA LYS B 38 -5.69 20.18 0.16
C LYS B 38 -4.64 20.35 1.25
N GLU B 39 -5.00 21.05 2.32
CA GLU B 39 -4.16 21.15 3.50
C GLU B 39 -4.04 19.76 4.10
N ALA B 40 -2.93 19.49 4.77
CA ALA B 40 -2.67 18.15 5.29
C ALA B 40 -1.59 18.15 6.37
N VAL B 41 -1.62 17.10 7.20
CA VAL B 41 -0.59 16.86 8.20
C VAL B 41 -0.07 15.44 7.99
N ILE B 42 1.23 15.26 8.09
CA ILE B 42 1.86 13.97 7.81
C ILE B 42 2.50 13.39 9.06
N PHE B 43 1.88 12.36 9.62
CA PHE B 43 2.42 11.68 10.80
C PHE B 43 3.37 10.56 10.38
N LYS B 44 4.48 10.40 11.12
CA LYS B 44 5.42 9.30 10.91
C LYS B 44 5.18 8.25 12.00
N THR B 45 4.81 7.03 11.59
CA THR B 45 4.58 5.94 12.54
C THR B 45 5.90 5.29 12.99
N ILE B 46 5.79 4.38 13.96
CA ILE B 46 6.97 3.71 14.54
C ILE B 46 7.76 3.01 13.45
N VAL B 47 7.04 2.32 12.57
CA VAL B 47 7.65 1.57 11.46
C VAL B 47 8.16 2.46 10.30
N ALA B 48 8.28 3.76 10.54
CA ALA B 48 8.96 4.69 9.64
C ALA B 48 8.28 4.87 8.29
N LYS B 49 6.97 4.65 8.24
CA LYS B 49 6.17 4.98 7.06
C LYS B 49 5.30 6.18 7.42
N GLU B 50 5.22 7.14 6.50
CA GLU B 50 4.44 8.35 6.72
C GLU B 50 2.96 8.12 6.42
N ILE B 51 2.10 8.82 7.15
CA ILE B 51 0.65 8.69 7.05
C ILE B 51 0.06 10.07 6.86
N CYS B 52 -0.81 10.22 5.87
CA CYS B 52 -1.53 11.48 5.65
C CYS B 52 -2.73 11.57 6.58
N ALA B 53 -2.91 12.74 7.19
CA ALA B 53 -4.03 12.99 8.10
C ALA B 53 -4.62 14.38 7.85
N ASP B 54 -5.94 14.47 8.04
CA ASP B 54 -6.67 15.72 7.87
C ASP B 54 -6.63 16.53 9.17
N PRO B 55 -6.14 17.79 9.11
CA PRO B 55 -6.15 18.63 10.31
C PRO B 55 -7.55 19.12 10.70
N LYS B 56 -8.45 19.22 9.72
CA LYS B 56 -9.87 19.48 9.99
C LYS B 56 -10.51 18.21 10.56
N GLN B 57 -10.14 17.88 11.80
CA GLN B 57 -10.56 16.65 12.48
C GLN B 57 -9.84 16.59 13.82
N LYS B 58 -10.62 16.65 14.91
CA LYS B 58 -10.07 16.83 16.26
C LYS B 58 -9.02 15.78 16.64
N TRP B 59 -9.26 14.53 16.26
CA TRP B 59 -8.34 13.43 16.62
C TRP B 59 -6.91 13.69 16.12
N VAL B 60 -6.78 14.39 15.00
CA VAL B 60 -5.47 14.74 14.47
C VAL B 60 -4.86 15.89 15.29
N GLN B 61 -5.66 16.92 15.57
CA GLN B 61 -5.19 18.06 16.36
C GLN B 61 -4.79 17.64 17.78
N ASP B 62 -5.49 16.66 18.34
CA ASP B 62 -5.16 16.11 19.66
C ASP B 62 -3.89 15.25 19.61
N SER B 63 -3.67 14.57 18.49
CA SER B 63 -2.44 13.80 18.27
C SER B 63 -1.22 14.71 18.17
N MET B 64 -1.41 15.88 17.56
CA MET B 64 -0.35 16.89 17.48
C MET B 64 -0.01 17.45 18.86
N ASP B 65 -1.03 17.70 19.68
CA ASP B 65 -0.82 18.19 21.05
C ASP B 65 0.02 17.20 21.88
N HIS B 66 -0.32 15.92 21.79
CA HIS B 66 0.39 14.88 22.55
C HIS B 66 1.85 14.76 22.15
N LEU B 67 2.11 14.85 20.85
CA LEU B 67 3.47 14.79 20.31
C LEU B 67 4.32 15.98 20.78
N ASP B 68 3.68 17.14 20.92
CA ASP B 68 4.36 18.34 21.42
C ASP B 68 4.80 18.18 22.87
N LYS B 69 3.97 17.52 23.68
CA LYS B 69 4.26 17.30 25.10
C LYS B 69 5.15 16.08 25.30
C1 NAG C . 12.56 8.17 -3.72
C2 NAG C . 12.11 7.94 -2.28
C3 NAG C . 12.58 9.05 -1.37
C4 NAG C . 14.05 9.37 -1.58
C5 NAG C . 14.40 9.47 -3.06
C6 NAG C . 15.91 9.54 -3.32
C7 NAG C . 9.99 6.81 -1.92
C8 NAG C . 8.49 6.90 -1.99
N2 NAG C . 10.67 7.89 -2.28
O3 NAG C . 12.41 8.65 -0.02
O4 NAG C . 14.21 10.62 -0.97
O5 NAG C . 13.94 8.34 -3.74
O6 NAG C . 16.53 8.33 -2.94
O7 NAG C . 10.52 5.78 -1.53
C1 NAG C . 15.38 10.69 -0.14
C2 NAG C . 15.45 12.13 0.39
C3 NAG C . 16.69 12.34 1.26
C4 NAG C . 16.82 11.19 2.27
C5 NAG C . 16.61 9.83 1.62
C6 NAG C . 16.62 8.67 2.61
C7 NAG C . 16.11 13.15 -1.78
C8 NAG C . 15.74 14.14 -2.85
N2 NAG C . 15.28 13.05 -0.73
O3 NAG C . 16.58 13.56 1.95
O4 NAG C . 18.08 11.29 2.91
O5 NAG C . 15.37 9.83 0.97
O6 NAG C . 17.34 7.58 2.07
O7 NAG C . 17.16 12.50 -1.89
C1 BMA C . 17.97 11.74 4.28
C2 BMA C . 18.79 10.86 5.22
C3 BMA C . 18.43 11.21 6.66
C4 BMA C . 18.36 12.72 6.92
C5 BMA C . 17.96 13.61 5.74
C6 BMA C . 18.54 15.01 5.91
O2 BMA C . 20.20 11.05 4.97
O3 BMA C . 19.38 10.62 7.55
O4 BMA C . 17.40 12.94 7.98
O5 BMA C . 18.38 13.09 4.48
O6 BMA C . 17.76 15.97 5.18
C1 NAG D . -0.48 -7.71 -12.73
C2 NAG D . 0.53 -7.87 -13.87
C3 NAG D . -0.08 -8.53 -15.10
C4 NAG D . -0.98 -9.72 -14.75
C5 NAG D . -1.85 -9.42 -13.53
C6 NAG D . -2.60 -10.64 -13.03
C7 NAG D . 2.25 -6.08 -14.12
C8 NAG D . 3.33 -6.99 -13.65
N2 NAG D . 1.00 -6.54 -14.22
O3 NAG D . 0.99 -8.91 -15.94
O4 NAG D . -1.87 -10.01 -15.81
O5 NAG D . -1.06 -8.96 -12.48
O6 NAG D . -1.69 -11.64 -12.61
O7 NAG D . 2.50 -4.93 -14.44
C1 NAG D . -1.29 -10.86 -16.81
C2 NAG D . -2.34 -11.85 -17.32
C3 NAG D . -1.79 -12.72 -18.46
C4 NAG D . -1.05 -11.88 -19.52
C5 NAG D . -0.11 -10.88 -18.82
C6 NAG D . 0.63 -9.98 -19.81
C7 NAG D . -4.04 -12.60 -15.70
C8 NAG D . -4.37 -13.55 -14.58
N2 NAG D . -2.81 -12.69 -16.23
O3 NAG D . -2.88 -13.41 -19.03
O4 NAG D . -0.24 -12.63 -20.42
O5 NAG D . -0.84 -10.10 -17.90
O6 NAG D . 0.60 -8.63 -19.38
O7 NAG D . -4.90 -11.78 -16.07
C1 BMA D . -0.86 -13.60 -21.31
C2 BMA D . -1.89 -13.00 -22.29
C3 BMA D . -1.53 -13.25 -23.75
C4 BMA D . -0.06 -12.89 -23.94
C5 BMA D . 0.78 -13.94 -23.21
C6 BMA D . 2.22 -13.43 -23.01
O2 BMA D . -2.05 -11.59 -22.11
O3 BMA D . -2.33 -12.48 -24.65
O4 BMA D . 0.29 -12.86 -25.34
O5 BMA D . 0.19 -14.37 -21.96
O6 BMA D . 2.95 -13.55 -24.25
#